data_1F2U
#
_entry.id   1F2U
#
_cell.length_a   79.9
_cell.length_b   82.6
_cell.length_c   106.0
_cell.angle_alpha   90
_cell.angle_beta   90
_cell.angle_gamma   90
#
_symmetry.space_group_name_H-M   'P 21 21 21'
#
loop_
_entity.id
_entity.type
_entity.pdbx_description
1 polymer 'RAD50 ABC-ATPASE'
2 polymer 'RAD50 ABC-ATPASE'
3 non-polymer 'MAGNESIUM ION'
4 non-polymer "ADENOSINE-5'-TRIPHOSPHATE"
5 water water
#
loop_
_entity_poly.entity_id
_entity_poly.type
_entity_poly.pdbx_seq_one_letter_code
_entity_poly.pdbx_strand_id
1 'polypeptide(L)'
;MKLERVTVKNFRSHSDTVVEFKEGINLIIGQNGSGKSSLLDAILVGLYWPLRIKDIKKDEFTKVGARDTYIDLIFEKDGT
KYRITRRFLKGYSSGEIHAMKRLVGNEWKHVTEPSSKAISAFMEKLIPYNIFLNAIYIRQGQIDAILES
;
A,C
2 'polypeptide(L)'
;KYKALAREAALSKIGELASEIFAEFTEGKYSEVVVRAEENKVRLFVVWEGKERPLTFLSGGERIALGLAFRLAMSLYLAG
EISLLILDEPTPYLDEERRRKLITIMERYLKKIPQVILVSHDEELKDAADHVIRISLENGSSKVEVVS
;
B,D
#
# COMPACT_ATOMS: atom_id res chain seq x y z
N MET A 1 19.14 19.81 -6.54
CA MET A 1 18.93 20.10 -5.10
C MET A 1 19.62 19.03 -4.27
N LYS A 2 20.14 19.42 -3.12
CA LYS A 2 20.81 18.49 -2.25
C LYS A 2 20.60 18.95 -0.82
N LEU A 3 20.13 18.04 0.04
CA LEU A 3 19.90 18.38 1.43
C LEU A 3 21.18 18.20 2.22
N GLU A 4 21.42 19.13 3.15
CA GLU A 4 22.61 19.09 4.00
C GLU A 4 22.23 18.72 5.43
N ARG A 5 21.39 19.55 6.03
CA ARG A 5 20.97 19.31 7.41
C ARG A 5 19.52 19.68 7.65
N VAL A 6 18.89 18.92 8.53
CA VAL A 6 17.50 19.17 8.91
C VAL A 6 17.46 19.24 10.43
N THR A 7 16.83 20.30 10.93
CA THR A 7 16.67 20.49 12.36
C THR A 7 15.19 20.66 12.60
N VAL A 8 14.61 19.80 13.42
CA VAL A 8 13.20 19.87 13.71
C VAL A 8 12.95 19.84 15.22
N LYS A 9 11.96 20.63 15.65
CA LYS A 9 11.61 20.71 17.05
C LYS A 9 10.10 20.67 17.21
N ASN A 10 9.62 19.77 18.07
CA ASN A 10 8.20 19.61 18.32
C ASN A 10 7.37 19.40 17.05
N PHE A 11 7.77 18.41 16.25
CA PHE A 11 7.04 18.04 15.04
C PHE A 11 6.73 16.55 15.22
N ARG A 12 5.46 16.25 15.46
CA ARG A 12 5.00 14.89 15.70
C ARG A 12 5.82 14.24 16.80
N SER A 13 6.47 13.12 16.52
CA SER A 13 7.26 12.44 17.54
C SER A 13 8.60 13.11 17.82
N HIS A 14 8.94 14.12 17.01
CA HIS A 14 10.19 14.83 17.16
C HIS A 14 10.08 16.02 18.12
N SER A 15 10.90 15.98 19.16
CA SER A 15 10.98 17.02 20.18
C SER A 15 12.17 17.90 19.79
N ASP A 16 13.27 17.25 19.45
CA ASP A 16 14.48 17.95 19.01
C ASP A 16 15.40 16.97 18.31
N THR A 17 15.42 17.03 16.98
CA THR A 17 16.24 16.14 16.17
C THR A 17 17.10 16.92 15.20
N VAL A 18 18.26 16.36 14.92
CA VAL A 18 19.16 17.01 14.00
C VAL A 18 19.73 15.91 13.11
N VAL A 19 19.50 16.05 11.81
CA VAL A 19 20.02 15.06 10.88
C VAL A 19 20.91 15.73 9.86
N GLU A 20 22.05 15.09 9.60
CA GLU A 20 23.00 15.61 8.64
C GLU A 20 23.05 14.64 7.48
N PHE A 21 22.44 15.04 6.37
CA PHE A 21 22.41 14.17 5.21
C PHE A 21 23.69 14.38 4.42
N LYS A 22 24.15 13.30 3.79
CA LYS A 22 25.38 13.29 3.02
C LYS A 22 25.07 13.03 1.57
N GLU A 23 26.08 12.66 0.83
CA GLU A 23 25.89 12.35 -0.57
C GLU A 23 25.79 10.83 -0.68
N GLY A 24 25.18 10.37 -1.76
CA GLY A 24 25.02 8.94 -1.93
C GLY A 24 23.73 8.52 -1.26
N ILE A 25 23.62 7.23 -1.01
CA ILE A 25 22.43 6.66 -0.39
C ILE A 25 22.37 6.83 1.13
N ASN A 26 21.40 7.60 1.61
CA ASN A 26 21.23 7.83 3.05
C ASN A 26 19.99 7.10 3.60
N LEU A 27 20.22 6.01 4.33
CA LEU A 27 19.13 5.21 4.89
C LEU A 27 18.78 5.62 6.31
N ILE A 28 17.49 5.53 6.63
CA ILE A 28 17.03 5.83 7.97
C ILE A 28 16.12 4.68 8.37
N ILE A 29 16.69 3.70 9.09
CA ILE A 29 15.94 2.54 9.56
C ILE A 29 15.27 2.90 10.88
N GLY A 30 13.99 2.55 10.99
CA GLY A 30 13.20 2.80 12.19
C GLY A 30 11.97 1.91 12.16
N GLN A 31 11.36 1.65 13.32
CA GLN A 31 10.19 0.78 13.40
C GLN A 31 8.91 1.55 13.20
N ASN A 32 7.80 0.83 13.08
CA ASN A 32 6.52 1.52 12.94
C ASN A 32 6.42 2.42 14.17
N GLY A 33 5.99 3.66 13.97
CA GLY A 33 5.81 4.58 15.07
C GLY A 33 7.05 5.35 15.56
N SER A 34 8.20 5.17 14.90
CA SER A 34 9.43 5.78 15.34
C SER A 34 9.74 7.23 14.95
N GLY A 35 9.27 7.69 13.80
CA GLY A 35 9.53 9.05 13.39
C GLY A 35 10.00 9.25 11.96
N LYS A 36 10.21 8.16 11.22
CA LYS A 36 10.68 8.22 9.84
C LYS A 36 9.94 9.21 8.95
N SER A 37 8.65 8.94 8.73
CA SER A 37 7.83 9.80 7.87
C SER A 37 7.67 11.19 8.45
N SER A 38 7.67 11.28 9.78
CA SER A 38 7.50 12.55 10.44
C SER A 38 8.59 13.54 10.03
N LEU A 39 9.83 13.06 10.00
CA LEU A 39 10.96 13.87 9.61
C LEU A 39 10.81 14.35 8.16
N LEU A 40 10.42 13.43 7.28
CA LEU A 40 10.25 13.75 5.86
C LEU A 40 9.13 14.75 5.63
N ASP A 41 8.03 14.61 6.33
CA ASP A 41 6.95 15.57 6.12
C ASP A 41 7.35 16.97 6.64
N ALA A 42 8.17 17.01 7.69
CA ALA A 42 8.61 18.31 8.23
C ALA A 42 9.45 18.98 7.16
N ILE A 43 10.29 18.20 6.51
CA ILE A 43 11.13 18.71 5.45
C ILE A 43 10.24 19.30 4.37
N LEU A 44 9.14 18.62 4.07
CA LEU A 44 8.20 19.10 3.07
C LEU A 44 7.54 20.37 3.59
N VAL A 45 7.09 20.33 4.84
CA VAL A 45 6.44 21.47 5.45
C VAL A 45 7.35 22.70 5.42
N GLY A 46 8.59 22.52 5.86
CA GLY A 46 9.51 23.63 5.89
C GLY A 46 9.96 24.18 4.54
N LEU A 47 9.68 23.45 3.47
CA LEU A 47 10.09 23.85 2.15
C LEU A 47 8.98 24.57 1.37
N TYR A 48 7.77 24.01 1.41
CA TYR A 48 6.65 24.58 0.66
C TYR A 48 5.48 25.09 1.46
N TRP A 49 5.56 25.06 2.79
CA TRP A 49 4.43 25.56 3.57
C TRP A 49 4.06 26.99 3.17
N PRO A 50 2.75 27.29 3.04
CA PRO A 50 1.60 26.40 3.23
C PRO A 50 1.46 25.35 2.13
N LEU A 51 1.09 24.13 2.52
CA LEU A 51 0.92 23.01 1.60
C LEU A 51 -0.55 22.84 1.17
N ARG A 52 -0.80 21.82 0.34
CA ARG A 52 -2.15 21.52 -0.12
C ARG A 52 -2.48 20.08 0.21
N ILE A 53 -1.94 19.59 1.32
CA ILE A 53 -2.20 18.22 1.68
C ILE A 53 -3.15 18.12 2.86
N LYS A 54 -4.36 17.68 2.54
CA LYS A 54 -5.41 17.52 3.52
C LYS A 54 -4.95 16.78 4.77
N ASP A 55 -4.12 15.74 4.60
CA ASP A 55 -3.62 14.94 5.72
C ASP A 55 -2.41 15.55 6.47
N ILE A 56 -2.24 16.86 6.38
CA ILE A 56 -1.16 17.56 7.09
C ILE A 56 -1.61 18.96 7.48
N LYS A 57 -2.10 19.10 8.70
CA LYS A 57 -2.58 20.39 9.16
C LYS A 57 -1.79 20.92 10.36
N LYS A 58 -1.49 22.21 10.30
CA LYS A 58 -0.73 22.92 11.33
C LYS A 58 -1.10 22.56 12.77
N ASP A 59 -2.35 22.79 13.13
CA ASP A 59 -2.81 22.51 14.48
C ASP A 59 -2.69 21.04 14.88
N GLU A 60 -2.20 20.21 13.97
CA GLU A 60 -2.05 18.79 14.28
C GLU A 60 -0.61 18.32 14.35
N PHE A 61 0.32 19.00 13.67
CA PHE A 61 1.70 18.53 13.71
C PHE A 61 2.58 19.04 14.85
N THR A 62 2.03 19.94 15.66
CA THR A 62 2.75 20.50 16.79
C THR A 62 2.78 19.42 17.86
N LYS A 63 3.98 18.96 18.23
CA LYS A 63 4.10 17.92 19.24
C LYS A 63 3.14 18.20 20.39
N VAL A 64 2.43 17.17 20.84
CA VAL A 64 1.44 17.30 21.90
C VAL A 64 1.78 18.30 23.02
N GLY A 65 2.75 17.95 23.86
CA GLY A 65 3.09 18.83 24.98
C GLY A 65 3.68 20.19 24.64
N ALA A 66 4.02 20.42 23.38
CA ALA A 66 4.66 21.69 23.02
C ALA A 66 3.76 22.81 22.55
N ARG A 67 4.37 23.98 22.36
CA ARG A 67 3.67 25.17 21.92
C ARG A 67 4.20 25.71 20.59
N ASP A 68 5.48 25.51 20.34
CA ASP A 68 6.03 25.98 19.08
C ASP A 68 6.69 24.82 18.34
N THR A 69 6.72 24.95 17.02
CA THR A 69 7.31 23.94 16.17
C THR A 69 8.41 24.61 15.40
N TYR A 70 9.59 24.00 15.42
CA TYR A 70 10.74 24.56 14.74
C TYR A 70 11.31 23.63 13.68
N ILE A 71 11.52 24.17 12.49
CA ILE A 71 12.09 23.41 11.38
C ILE A 71 13.15 24.29 10.72
N ASP A 72 14.37 23.79 10.63
CA ASP A 72 15.46 24.54 10.02
C ASP A 72 16.06 23.64 8.95
N LEU A 73 16.08 24.14 7.71
CA LEU A 73 16.61 23.36 6.58
C LEU A 73 17.72 24.07 5.83
N ILE A 74 18.84 23.37 5.64
CA ILE A 74 19.97 23.91 4.91
C ILE A 74 20.25 23.03 3.71
N PHE A 75 20.00 23.59 2.52
CA PHE A 75 20.23 22.86 1.29
C PHE A 75 21.00 23.67 0.26
N GLU A 76 21.50 22.95 -0.73
CA GLU A 76 22.32 23.50 -1.81
C GLU A 76 21.62 23.28 -3.15
N LYS A 77 21.53 24.33 -3.96
CA LYS A 77 20.90 24.25 -5.29
C LYS A 77 21.68 25.16 -6.24
N ASP A 78 22.36 24.56 -7.21
CA ASP A 78 23.16 25.31 -8.18
C ASP A 78 24.24 26.16 -7.51
N GLY A 79 25.12 25.53 -6.74
CA GLY A 79 26.18 26.28 -6.09
C GLY A 79 25.78 27.10 -4.88
N THR A 80 24.59 27.70 -4.93
CA THR A 80 24.10 28.52 -3.81
C THR A 80 23.61 27.67 -2.65
N LYS A 81 24.01 28.05 -1.44
CA LYS A 81 23.56 27.33 -0.27
C LYS A 81 22.41 28.11 0.35
N TYR A 82 21.22 27.53 0.37
CA TYR A 82 20.08 28.22 0.97
C TYR A 82 19.74 27.66 2.35
N ARG A 83 18.88 28.40 3.05
CA ARG A 83 18.47 27.97 4.36
C ARG A 83 17.10 28.53 4.64
N ILE A 84 16.18 27.66 5.03
CA ILE A 84 14.84 28.11 5.34
C ILE A 84 14.52 27.79 6.79
N THR A 85 13.97 28.77 7.48
CA THR A 85 13.61 28.60 8.87
C THR A 85 12.15 28.92 9.07
N ARG A 86 11.44 27.97 9.67
CA ARG A 86 10.03 28.11 9.94
C ARG A 86 9.84 27.94 11.43
N ARG A 87 9.05 28.82 12.02
CA ARG A 87 8.79 28.71 13.43
C ARG A 87 7.30 28.89 13.57
N PHE A 88 6.63 27.81 13.96
CA PHE A 88 5.19 27.85 14.11
C PHE A 88 4.78 28.07 15.55
N LEU A 89 3.79 28.93 15.70
CA LEU A 89 3.27 29.34 16.99
C LEU A 89 1.77 29.57 16.87
N LYS A 90 1.00 29.05 17.81
CA LYS A 90 -0.45 29.24 17.79
C LYS A 90 -0.86 30.44 18.64
N GLY A 91 -0.49 31.65 18.20
CA GLY A 91 -0.84 32.83 18.97
C GLY A 91 -0.44 34.18 18.40
N TYR A 92 0.84 34.33 18.02
CA TYR A 92 1.31 35.60 17.50
C TYR A 92 2.32 35.46 16.37
N SER A 93 2.42 36.48 15.54
CA SER A 93 3.35 36.48 14.41
C SER A 93 4.71 37.00 14.84
N SER A 94 4.73 37.88 15.83
CA SER A 94 5.97 38.45 16.32
C SER A 94 7.00 37.35 16.56
N GLY A 95 6.54 36.24 17.12
CA GLY A 95 7.43 35.11 17.40
C GLY A 95 7.64 34.20 16.20
N GLU A 96 6.68 34.20 15.27
CA GLU A 96 6.74 33.37 14.06
C GLU A 96 7.94 33.72 13.18
N ILE A 97 8.65 32.70 12.70
CA ILE A 97 9.81 32.89 11.83
C ILE A 97 9.56 32.19 10.47
N HIS A 98 9.73 32.94 9.39
CA HIS A 98 9.57 32.47 8.02
C HIS A 98 10.59 33.21 7.17
N ALA A 99 11.82 32.72 7.18
CA ALA A 99 12.87 33.37 6.42
C ALA A 99 13.72 32.39 5.63
N MET A 100 13.94 32.76 4.38
CA MET A 100 14.77 31.97 3.48
C MET A 100 15.97 32.86 3.17
N LYS A 101 17.17 32.31 3.35
CA LYS A 101 18.41 33.03 3.13
C LYS A 101 19.37 32.36 2.15
N ARG A 102 20.37 33.15 1.79
CA ARG A 102 21.45 32.82 0.88
C ARG A 102 22.75 32.99 1.67
N LEU A 103 23.64 32.02 1.59
CA LEU A 103 24.91 32.10 2.31
C LEU A 103 25.94 32.95 1.58
N VAL A 104 26.39 33.99 2.25
CA VAL A 104 27.42 34.89 1.71
C VAL A 104 28.59 34.84 2.69
N GLY A 105 29.58 34.01 2.38
CA GLY A 105 30.76 33.88 3.23
C GLY A 105 30.51 33.12 4.51
N ASN A 106 30.34 33.87 5.60
CA ASN A 106 30.06 33.27 6.90
C ASN A 106 28.78 33.90 7.47
N GLU A 107 27.98 34.51 6.59
CA GLU A 107 26.74 35.16 7.01
C GLU A 107 25.54 34.90 6.09
N TRP A 108 24.41 34.48 6.67
CA TRP A 108 23.19 34.21 5.92
C TRP A 108 22.47 35.54 5.67
N LYS A 109 21.98 35.72 4.45
CA LYS A 109 21.29 36.94 4.07
C LYS A 109 19.94 36.71 3.38
N HIS A 110 18.91 37.37 3.88
CA HIS A 110 17.57 37.23 3.34
C HIS A 110 17.56 37.17 1.81
N VAL A 111 17.04 36.07 1.28
CA VAL A 111 16.90 35.84 -0.14
C VAL A 111 15.72 36.69 -0.60
N THR A 112 14.88 37.07 0.38
CA THR A 112 13.71 37.89 0.17
C THR A 112 12.91 38.11 1.45
N GLU A 113 11.80 38.83 1.32
CA GLU A 113 10.88 39.15 2.41
C GLU A 113 10.53 37.94 3.28
N PRO A 114 10.80 38.03 4.59
CA PRO A 114 10.51 36.92 5.50
C PRO A 114 9.02 36.68 5.74
N SER A 115 8.39 35.94 4.84
CA SER A 115 6.97 35.64 4.95
C SER A 115 6.63 34.45 4.04
N SER A 116 5.59 33.71 4.43
CA SER A 116 5.12 32.56 3.67
C SER A 116 4.89 32.90 2.19
N LYS A 117 4.32 34.08 1.94
CA LYS A 117 4.05 34.55 0.57
C LYS A 117 5.32 34.64 -0.29
N ALA A 118 6.24 35.50 0.12
CA ALA A 118 7.49 35.71 -0.60
C ALA A 118 8.33 34.44 -0.73
N ILE A 119 8.46 33.69 0.36
CA ILE A 119 9.25 32.46 0.36
C ILE A 119 8.65 31.38 -0.54
N SER A 120 7.33 31.37 -0.61
CA SER A 120 6.63 30.42 -1.45
C SER A 120 7.01 30.73 -2.90
N ALA A 121 6.81 31.99 -3.30
CA ALA A 121 7.13 32.46 -4.65
C ALA A 121 8.56 32.18 -5.07
N PHE A 122 9.50 32.36 -4.14
CA PHE A 122 10.91 32.12 -4.44
C PHE A 122 11.21 30.62 -4.58
N MET A 123 10.61 29.80 -3.73
CA MET A 123 10.82 28.35 -3.78
C MET A 123 10.23 27.77 -5.06
N GLU A 124 9.10 28.33 -5.48
CA GLU A 124 8.38 27.91 -6.68
C GLU A 124 9.22 28.16 -7.93
N LYS A 125 10.08 29.17 -7.87
CA LYS A 125 10.94 29.50 -8.99
C LYS A 125 12.29 28.80 -8.88
N LEU A 126 12.59 28.27 -7.70
CA LEU A 126 13.86 27.60 -7.46
C LEU A 126 13.68 26.11 -7.73
N ILE A 127 12.47 25.64 -7.40
CA ILE A 127 12.08 24.25 -7.57
C ILE A 127 10.56 24.13 -7.32
N PRO A 128 9.78 24.03 -8.42
CA PRO A 128 8.33 23.92 -8.39
C PRO A 128 7.76 22.78 -7.55
N TYR A 129 6.80 23.13 -6.70
CA TYR A 129 6.12 22.20 -5.81
C TYR A 129 5.77 20.86 -6.45
N ASN A 130 5.05 20.91 -7.58
CA ASN A 130 4.64 19.71 -8.28
C ASN A 130 5.83 18.82 -8.61
N ILE A 131 6.93 19.41 -9.07
CA ILE A 131 8.08 18.61 -9.42
C ILE A 131 8.69 17.92 -8.20
N PHE A 132 8.58 18.58 -7.05
CA PHE A 132 9.10 18.02 -5.82
C PHE A 132 8.25 16.81 -5.42
N LEU A 133 6.94 16.96 -5.57
CA LEU A 133 5.98 15.93 -5.18
C LEU A 133 5.83 14.69 -6.06
N ASN A 134 6.02 14.76 -7.37
CA ASN A 134 5.91 13.50 -8.12
C ASN A 134 7.21 13.11 -8.78
N ALA A 135 8.29 13.80 -8.41
CA ALA A 135 9.59 13.47 -8.98
C ALA A 135 10.67 13.37 -7.91
N ILE A 136 10.46 14.01 -6.77
CA ILE A 136 11.51 13.97 -5.74
C ILE A 136 11.16 13.28 -4.45
N TYR A 137 10.08 13.70 -3.82
CA TYR A 137 9.65 13.12 -2.56
C TYR A 137 8.48 12.17 -2.78
N ILE A 138 8.73 10.88 -2.73
CA ILE A 138 7.66 9.89 -2.93
C ILE A 138 7.21 9.45 -1.53
N ARG A 139 6.09 10.01 -1.07
CA ARG A 139 5.59 9.71 0.25
C ARG A 139 5.19 8.25 0.41
N GLN A 140 5.01 7.86 1.67
CA GLN A 140 4.63 6.50 2.01
C GLN A 140 3.29 6.18 1.36
N GLY A 141 3.19 5.00 0.75
CA GLY A 141 1.96 4.61 0.10
C GLY A 141 1.77 5.14 -1.31
N GLN A 142 2.72 5.94 -1.81
CA GLN A 142 2.60 6.54 -3.15
C GLN A 142 3.57 6.01 -4.17
N ILE A 143 4.22 4.87 -3.93
CA ILE A 143 5.19 4.41 -4.91
C ILE A 143 4.66 4.10 -6.30
N ASP A 144 3.50 3.48 -6.41
CA ASP A 144 2.97 3.18 -7.75
C ASP A 144 1.96 4.21 -8.24
N ALA A 145 1.84 5.33 -7.53
CA ALA A 145 0.93 6.37 -7.94
C ALA A 145 1.34 6.81 -9.33
N ILE A 146 2.64 6.83 -9.62
CA ILE A 146 3.09 7.27 -10.93
C ILE A 146 2.53 6.44 -12.09
N LEU A 147 2.05 5.24 -11.80
CA LEU A 147 1.46 4.37 -12.81
C LEU A 147 0.04 4.80 -13.15
N GLU A 148 -0.60 5.47 -12.21
CA GLU A 148 -1.98 5.90 -12.41
C GLU A 148 -2.07 6.98 -13.48
N SER A 149 -2.34 6.58 -14.71
CA SER A 149 -2.47 7.51 -15.83
C SER A 149 -1.21 8.35 -16.04
N ALA B 4 4.39 19.33 -27.31
CA ALA B 4 3.76 18.02 -27.18
C ALA B 4 4.76 16.91 -27.47
N LEU B 5 5.62 17.14 -28.46
CA LEU B 5 6.63 16.16 -28.86
C LEU B 5 7.86 16.14 -27.97
N ALA B 6 8.12 17.20 -27.25
CA ALA B 6 9.29 17.19 -26.34
C ALA B 6 9.01 16.27 -25.14
N ARG B 7 7.73 16.15 -24.75
CA ARG B 7 7.34 15.29 -23.64
C ARG B 7 7.38 13.83 -24.14
N GLU B 8 7.20 13.64 -25.45
CA GLU B 8 7.22 12.32 -26.04
C GLU B 8 8.65 11.82 -25.97
N ALA B 9 9.60 12.76 -26.13
CA ALA B 9 11.01 12.42 -26.10
C ALA B 9 11.41 12.07 -24.67
N ALA B 10 10.97 12.89 -23.71
CA ALA B 10 11.30 12.64 -22.30
C ALA B 10 10.75 11.26 -21.89
N LEU B 11 9.44 11.11 -21.99
CA LEU B 11 8.75 9.87 -21.64
C LEU B 11 9.39 8.64 -22.27
N SER B 12 9.59 8.69 -23.57
CA SER B 12 10.19 7.58 -24.31
C SER B 12 11.52 7.19 -23.68
N LYS B 13 12.29 8.19 -23.28
CA LYS B 13 13.58 7.93 -22.66
C LYS B 13 13.43 7.24 -21.29
N ILE B 14 12.51 7.74 -20.47
CA ILE B 14 12.27 7.21 -19.14
C ILE B 14 11.77 5.76 -19.19
N GLY B 15 11.01 5.45 -20.25
CA GLY B 15 10.48 4.11 -20.43
C GLY B 15 11.57 3.11 -20.75
N GLU B 16 12.56 3.51 -21.55
CA GLU B 16 13.66 2.64 -21.88
C GLU B 16 14.43 2.38 -20.60
N LEU B 17 14.50 3.39 -19.74
CA LEU B 17 15.18 3.22 -18.46
C LEU B 17 14.35 2.30 -17.56
N ALA B 18 13.05 2.54 -17.48
CA ALA B 18 12.22 1.70 -16.62
C ALA B 18 12.27 0.26 -17.13
N SER B 19 12.21 0.05 -18.44
CA SER B 19 12.24 -1.31 -18.99
C SER B 19 13.43 -2.12 -18.50
N GLU B 20 14.59 -1.46 -18.45
CA GLU B 20 15.82 -2.10 -18.03
C GLU B 20 15.78 -2.51 -16.59
N ILE B 21 15.42 -1.58 -15.72
CA ILE B 21 15.34 -1.87 -14.30
C ILE B 21 14.28 -2.93 -14.01
N PHE B 22 13.12 -2.82 -14.65
CA PHE B 22 12.03 -3.77 -14.41
C PHE B 22 12.34 -5.18 -14.90
N ALA B 23 13.04 -5.30 -16.03
CA ALA B 23 13.40 -6.62 -16.59
C ALA B 23 14.34 -7.29 -15.59
N GLU B 24 15.21 -6.48 -15.02
CA GLU B 24 16.17 -6.93 -14.05
C GLU B 24 15.45 -7.31 -12.75
N PHE B 25 14.61 -6.42 -12.28
CA PHE B 25 13.84 -6.62 -11.07
C PHE B 25 13.04 -7.94 -11.17
N THR B 26 12.48 -8.20 -12.34
CA THR B 26 11.68 -9.42 -12.54
C THR B 26 12.36 -10.61 -13.23
N GLU B 27 13.70 -10.60 -13.31
CA GLU B 27 14.44 -11.67 -13.97
C GLU B 27 13.87 -11.94 -15.35
N GLY B 28 13.65 -10.88 -16.11
CA GLY B 28 13.14 -11.04 -17.44
C GLY B 28 11.71 -11.53 -17.61
N LYS B 29 10.98 -11.77 -16.51
CA LYS B 29 9.60 -12.23 -16.66
C LYS B 29 8.92 -11.25 -17.59
N TYR B 30 9.17 -9.97 -17.36
CA TYR B 30 8.63 -8.92 -18.23
C TYR B 30 9.84 -8.32 -18.93
N SER B 31 9.92 -8.52 -20.24
CA SER B 31 11.07 -8.06 -21.03
C SER B 31 11.15 -6.61 -21.42
N GLU B 32 10.05 -5.87 -21.28
CA GLU B 32 10.09 -4.49 -21.71
C GLU B 32 8.90 -3.73 -21.15
N VAL B 33 9.05 -2.43 -20.94
CA VAL B 33 7.92 -1.64 -20.45
C VAL B 33 7.61 -0.69 -21.58
N VAL B 34 6.37 -0.64 -22.03
CA VAL B 34 6.04 0.29 -23.11
C VAL B 34 5.25 1.50 -22.64
N VAL B 35 5.56 2.65 -23.21
CA VAL B 35 4.93 3.93 -22.86
C VAL B 35 4.34 4.58 -24.12
N ARG B 36 3.01 4.65 -24.23
CA ARG B 36 2.40 5.27 -25.42
C ARG B 36 1.61 6.54 -25.12
N ALA B 37 1.40 7.37 -26.15
CA ALA B 37 0.69 8.63 -25.98
C ALA B 37 -0.29 9.00 -27.10
N GLU B 38 -1.57 8.65 -26.91
CA GLU B 38 -2.64 8.98 -27.88
C GLU B 38 -3.38 10.23 -27.35
N GLU B 39 -2.90 11.41 -27.74
CA GLU B 39 -3.46 12.70 -27.30
C GLU B 39 -3.44 12.92 -25.79
N ASN B 40 -2.27 13.28 -25.29
CA ASN B 40 -2.07 13.56 -23.87
C ASN B 40 -2.48 12.47 -22.87
N LYS B 41 -2.86 11.30 -23.36
CA LYS B 41 -3.26 10.18 -22.48
C LYS B 41 -2.10 9.17 -22.56
N VAL B 42 -1.36 9.04 -21.45
CA VAL B 42 -0.22 8.13 -21.33
C VAL B 42 -0.60 6.72 -20.85
N ARG B 43 -0.33 5.71 -21.66
CA ARG B 43 -0.65 4.35 -21.27
C ARG B 43 0.64 3.54 -21.14
N LEU B 44 0.65 2.63 -20.16
CA LEU B 44 1.79 1.78 -19.87
C LEU B 44 1.46 0.32 -20.09
N PHE B 45 2.40 -0.40 -20.70
CA PHE B 45 2.23 -1.81 -20.97
C PHE B 45 3.52 -2.55 -20.64
N VAL B 46 3.38 -3.80 -20.25
CA VAL B 46 4.49 -4.67 -19.96
C VAL B 46 4.41 -5.77 -20.98
N VAL B 47 5.54 -6.05 -21.60
CA VAL B 47 5.68 -7.07 -22.62
C VAL B 47 5.91 -8.40 -21.90
N TRP B 48 5.01 -9.33 -22.15
CA TRP B 48 5.02 -10.67 -21.55
C TRP B 48 4.82 -11.70 -22.64
N GLU B 49 5.71 -12.68 -22.67
CA GLU B 49 5.65 -13.71 -23.70
C GLU B 49 5.41 -13.08 -25.05
N GLY B 50 6.24 -12.09 -25.39
CA GLY B 50 6.14 -11.47 -26.69
C GLY B 50 5.10 -10.42 -27.00
N LYS B 51 4.11 -10.20 -26.14
CA LYS B 51 3.13 -9.17 -26.46
C LYS B 51 2.89 -8.17 -25.34
N GLU B 52 2.38 -6.99 -25.71
CA GLU B 52 2.06 -5.96 -24.74
C GLU B 52 0.86 -6.40 -23.93
N ARG B 53 0.92 -6.18 -22.62
CA ARG B 53 -0.18 -6.54 -21.72
C ARG B 53 -0.48 -5.30 -20.92
N PRO B 54 -1.75 -5.03 -20.65
CA PRO B 54 -2.07 -3.84 -19.85
C PRO B 54 -1.54 -4.05 -18.41
N LEU B 55 -1.44 -3.00 -17.63
CA LEU B 55 -0.92 -3.10 -16.26
C LEU B 55 -1.68 -4.01 -15.29
N THR B 56 -2.94 -4.30 -15.62
CA THR B 56 -3.78 -5.17 -14.82
C THR B 56 -3.25 -6.59 -14.91
N PHE B 57 -2.38 -6.82 -15.87
CA PHE B 57 -1.81 -8.14 -16.03
C PHE B 57 -0.92 -8.41 -14.81
N LEU B 58 -0.36 -7.35 -14.25
CA LEU B 58 0.57 -7.51 -13.12
C LEU B 58 0.00 -7.96 -11.80
N SER B 59 0.85 -8.56 -10.98
CA SER B 59 0.45 -8.98 -9.63
C SER B 59 0.67 -7.74 -8.75
N GLY B 60 0.23 -7.79 -7.50
CA GLY B 60 0.41 -6.66 -6.60
C GLY B 60 1.87 -6.34 -6.36
N GLY B 61 2.68 -7.37 -6.08
CA GLY B 61 4.11 -7.16 -5.86
C GLY B 61 4.77 -6.59 -7.12
N GLU B 62 4.40 -7.12 -8.29
CA GLU B 62 4.96 -6.66 -9.55
C GLU B 62 4.63 -5.19 -9.81
N ARG B 63 3.41 -4.79 -9.48
CA ARG B 63 3.01 -3.40 -9.66
C ARG B 63 3.90 -2.49 -8.78
N ILE B 64 4.23 -2.90 -7.55
CA ILE B 64 5.16 -2.08 -6.73
C ILE B 64 6.56 -2.07 -7.39
N ALA B 65 6.99 -3.21 -7.93
CA ALA B 65 8.30 -3.26 -8.59
C ALA B 65 8.33 -2.34 -9.83
N LEU B 66 7.24 -2.31 -10.59
CA LEU B 66 7.22 -1.44 -11.75
C LEU B 66 7.20 0.01 -11.31
N GLY B 67 6.52 0.30 -10.20
CA GLY B 67 6.45 1.65 -9.69
C GLY B 67 7.82 2.15 -9.29
N LEU B 68 8.60 1.31 -8.62
CA LEU B 68 9.95 1.68 -8.22
C LEU B 68 10.79 1.90 -9.49
N ALA B 69 10.58 1.04 -10.48
CA ALA B 69 11.32 1.14 -11.72
C ALA B 69 11.06 2.51 -12.34
N PHE B 70 9.81 2.97 -12.38
CA PHE B 70 9.56 4.31 -12.93
C PHE B 70 10.14 5.44 -12.08
N ARG B 71 10.16 5.28 -10.75
CA ARG B 71 10.72 6.30 -9.88
C ARG B 71 12.24 6.40 -10.06
N LEU B 72 12.91 5.26 -10.19
CA LEU B 72 14.34 5.28 -10.39
C LEU B 72 14.55 5.91 -11.76
N ALA B 73 13.99 5.30 -12.79
CA ALA B 73 14.16 5.84 -14.13
C ALA B 73 13.94 7.35 -14.18
N MET B 74 12.86 7.82 -13.55
CA MET B 74 12.51 9.23 -13.49
C MET B 74 13.64 10.07 -12.87
N SER B 75 14.15 9.63 -11.72
CA SER B 75 15.25 10.31 -11.02
C SER B 75 16.53 10.21 -11.86
N LEU B 76 16.69 9.13 -12.62
CA LEU B 76 17.90 8.98 -13.43
C LEU B 76 17.87 9.98 -14.57
N TYR B 77 16.68 10.21 -15.12
CA TYR B 77 16.55 11.12 -16.24
C TYR B 77 16.66 12.58 -15.83
N LEU B 78 16.51 12.87 -14.54
CA LEU B 78 16.59 14.24 -14.05
C LEU B 78 17.76 14.41 -13.10
N ALA B 79 18.60 13.37 -13.01
CA ALA B 79 19.76 13.35 -12.12
C ALA B 79 20.69 14.55 -12.10
N GLY B 80 20.60 15.42 -13.10
CA GLY B 80 21.50 16.57 -13.14
C GLY B 80 20.71 17.84 -12.89
N GLU B 81 19.42 17.75 -13.08
CA GLU B 81 18.53 18.90 -12.89
C GLU B 81 17.94 18.90 -11.47
N ILE B 82 17.72 17.71 -10.93
CA ILE B 82 17.16 17.58 -9.59
C ILE B 82 18.17 16.93 -8.64
N SER B 83 18.76 15.82 -9.06
CA SER B 83 19.77 15.12 -8.26
C SER B 83 19.36 14.51 -6.93
N LEU B 84 18.08 14.53 -6.60
CA LEU B 84 17.61 14.01 -5.32
C LEU B 84 16.35 13.13 -5.39
N LEU B 85 16.40 11.98 -4.72
CA LEU B 85 15.25 11.08 -4.65
C LEU B 85 15.03 10.65 -3.20
N ILE B 86 13.80 10.84 -2.72
CA ILE B 86 13.43 10.46 -1.34
C ILE B 86 12.33 9.40 -1.44
N LEU B 87 12.62 8.20 -0.94
CA LEU B 87 11.67 7.08 -0.94
C LEU B 87 11.32 6.66 0.47
N ASP B 88 10.03 6.70 0.77
CA ASP B 88 9.55 6.33 2.10
C ASP B 88 8.95 4.92 2.06
N GLU B 89 9.59 3.96 2.71
CA GLU B 89 9.10 2.58 2.72
C GLU B 89 9.03 2.04 1.33
N PRO B 90 10.16 1.60 0.78
CA PRO B 90 10.08 1.06 -0.59
C PRO B 90 9.76 -0.42 -0.67
N THR B 91 9.71 -1.12 0.46
CA THR B 91 9.52 -2.58 0.41
C THR B 91 8.16 -3.30 0.49
N PRO B 92 7.09 -2.61 0.91
CA PRO B 92 5.77 -3.26 0.99
C PRO B 92 5.31 -4.04 -0.26
N TYR B 93 4.65 -5.18 -0.02
CA TYR B 93 4.10 -6.07 -1.05
C TYR B 93 5.13 -6.94 -1.75
N LEU B 94 6.40 -6.60 -1.58
CA LEU B 94 7.50 -7.35 -2.18
C LEU B 94 7.85 -8.57 -1.32
N ASP B 95 7.94 -9.76 -1.91
CA ASP B 95 8.31 -10.99 -1.18
C ASP B 95 9.83 -11.07 -0.93
N GLU B 96 10.27 -12.02 -0.09
CA GLU B 96 11.70 -12.17 0.24
C GLU B 96 12.64 -12.01 -0.93
N GLU B 97 12.35 -12.72 -2.01
CA GLU B 97 13.22 -12.64 -3.17
C GLU B 97 13.22 -11.23 -3.76
N ARG B 98 12.06 -10.65 -4.03
CA ARG B 98 12.02 -9.32 -4.63
C ARG B 98 12.68 -8.26 -3.76
N ARG B 99 12.69 -8.49 -2.46
CA ARG B 99 13.33 -7.55 -1.54
C ARG B 99 14.85 -7.63 -1.75
N ARG B 100 15.37 -8.84 -1.85
CA ARG B 100 16.80 -9.02 -2.10
C ARG B 100 17.08 -8.35 -3.43
N LYS B 101 16.47 -8.88 -4.49
CA LYS B 101 16.65 -8.31 -5.82
C LYS B 101 16.70 -6.80 -5.77
N LEU B 102 15.82 -6.19 -4.98
CA LEU B 102 15.76 -4.74 -4.88
C LEU B 102 17.11 -4.17 -4.46
N ILE B 103 17.68 -4.74 -3.39
CA ILE B 103 18.98 -4.32 -2.89
C ILE B 103 19.92 -4.22 -4.09
N THR B 104 19.97 -5.28 -4.89
CA THR B 104 20.81 -5.32 -6.09
C THR B 104 20.55 -4.10 -6.97
N ILE B 105 19.27 -3.84 -7.23
CA ILE B 105 18.89 -2.70 -8.05
C ILE B 105 19.36 -1.41 -7.41
N MET B 106 19.59 -1.45 -6.10
CA MET B 106 20.05 -0.28 -5.37
C MET B 106 21.47 0.17 -5.61
N GLU B 107 22.46 -0.70 -5.41
CA GLU B 107 23.80 -0.22 -5.67
C GLU B 107 24.19 -0.58 -7.08
N ARG B 108 23.25 -0.30 -7.97
CA ARG B 108 23.47 -0.52 -9.37
C ARG B 108 22.86 0.70 -10.07
N TYR B 109 21.74 1.20 -9.54
CA TYR B 109 21.12 2.37 -10.14
C TYR B 109 20.93 3.51 -9.17
N LEU B 110 20.52 3.16 -7.97
CA LEU B 110 20.29 4.14 -6.93
C LEU B 110 21.54 4.87 -6.56
N LYS B 111 22.69 4.36 -7.00
CA LYS B 111 23.95 5.02 -6.69
C LYS B 111 24.40 5.98 -7.78
N LYS B 112 23.58 6.14 -8.81
CA LYS B 112 23.90 7.05 -9.91
C LYS B 112 23.17 8.39 -9.76
N ILE B 113 22.45 8.51 -8.66
CA ILE B 113 21.71 9.73 -8.35
C ILE B 113 22.53 10.41 -7.27
N PRO B 114 22.88 11.71 -7.48
CA PRO B 114 23.67 12.47 -6.50
C PRO B 114 23.34 12.12 -5.07
N GLN B 115 22.12 12.44 -4.67
CA GLN B 115 21.65 12.16 -3.32
C GLN B 115 20.26 11.51 -3.29
N VAL B 116 20.15 10.48 -2.46
CA VAL B 116 18.91 9.73 -2.27
C VAL B 116 18.70 9.49 -0.76
N ILE B 117 17.52 9.86 -0.27
CA ILE B 117 17.18 9.60 1.13
C ILE B 117 16.13 8.49 1.22
N LEU B 118 16.54 7.36 1.81
CA LEU B 118 15.66 6.23 1.97
C LEU B 118 15.16 6.20 3.41
N VAL B 119 13.97 5.65 3.60
CA VAL B 119 13.37 5.52 4.92
C VAL B 119 12.70 4.14 4.94
N SER B 120 12.89 3.39 6.02
CA SER B 120 12.31 2.04 6.03
C SER B 120 12.41 1.36 7.39
N HIS B 121 11.69 0.24 7.54
CA HIS B 121 11.78 -0.50 8.79
C HIS B 121 12.58 -1.77 8.51
N ASP B 122 12.90 -1.98 7.23
CA ASP B 122 13.65 -3.17 6.84
C ASP B 122 15.15 -2.95 6.99
N GLU B 123 15.71 -3.60 8.01
CA GLU B 123 17.13 -3.50 8.37
C GLU B 123 18.02 -4.11 7.30
N GLU B 124 17.42 -4.87 6.39
CA GLU B 124 18.17 -5.52 5.33
C GLU B 124 18.79 -4.56 4.32
N LEU B 125 18.20 -3.37 4.19
CA LEU B 125 18.66 -2.35 3.24
C LEU B 125 19.88 -1.67 3.82
N LYS B 126 20.28 -2.13 4.99
CA LYS B 126 21.40 -1.57 5.71
C LYS B 126 22.70 -1.77 4.97
N ASP B 127 22.68 -2.69 4.02
CA ASP B 127 23.84 -3.00 3.23
C ASP B 127 24.04 -2.00 2.12
N ALA B 128 23.08 -1.96 1.19
CA ALA B 128 23.15 -1.04 0.07
C ALA B 128 23.17 0.45 0.42
N ALA B 129 23.56 0.79 1.65
CA ALA B 129 23.58 2.20 2.01
C ALA B 129 25.00 2.72 2.18
N ASP B 130 25.13 4.05 2.12
CA ASP B 130 26.42 4.71 2.31
C ASP B 130 26.49 5.22 3.74
N HIS B 131 25.38 5.82 4.17
CA HIS B 131 25.25 6.34 5.53
C HIS B 131 23.97 5.72 6.07
N VAL B 132 24.03 5.26 7.32
CA VAL B 132 22.89 4.63 7.96
C VAL B 132 22.57 5.36 9.26
N ILE B 133 21.29 5.66 9.46
CA ILE B 133 20.84 6.35 10.65
C ILE B 133 19.68 5.60 11.28
N ARG B 134 19.74 5.38 12.59
CA ARG B 134 18.63 4.73 13.27
C ARG B 134 17.75 5.79 13.95
N ILE B 135 16.46 5.51 13.99
CA ILE B 135 15.51 6.41 14.63
C ILE B 135 14.64 5.53 15.52
N SER B 136 14.53 5.89 16.79
CA SER B 136 13.71 5.12 17.71
C SER B 136 12.85 6.09 18.47
N LEU B 137 11.79 5.57 19.09
CA LEU B 137 10.90 6.42 19.85
C LEU B 137 11.16 6.24 21.34
N GLU B 138 12.02 7.08 21.91
CA GLU B 138 12.32 6.98 23.33
C GLU B 138 11.56 8.00 24.17
N ASN B 139 10.68 7.46 25.00
CA ASN B 139 9.90 8.26 25.92
C ASN B 139 9.19 9.37 25.18
N GLY B 140 8.19 9.00 24.38
CA GLY B 140 7.42 9.99 23.65
C GLY B 140 8.10 10.82 22.57
N SER B 141 9.41 10.68 22.41
CA SER B 141 10.13 11.44 21.38
C SER B 141 11.16 10.61 20.61
N SER B 142 11.34 10.97 19.35
CA SER B 142 12.26 10.29 18.44
C SER B 142 13.71 10.60 18.77
N LYS B 143 14.54 9.58 18.67
CA LYS B 143 15.96 9.66 18.95
C LYS B 143 16.75 9.13 17.76
N VAL B 144 17.53 10.00 17.15
CA VAL B 144 18.35 9.64 16.00
C VAL B 144 19.78 9.31 16.42
N GLU B 145 20.23 8.11 16.13
CA GLU B 145 21.58 7.68 16.44
C GLU B 145 22.29 7.39 15.11
N VAL B 146 23.49 7.91 14.93
CA VAL B 146 24.20 7.69 13.67
C VAL B 146 24.98 6.38 13.69
N VAL B 147 24.92 5.65 12.59
CA VAL B 147 25.64 4.40 12.50
C VAL B 147 26.61 4.55 11.36
N SER B 148 26.43 3.74 10.33
CA SER B 148 27.32 3.79 9.16
C SER B 148 27.45 5.22 8.65
N MET C 1 -21.96 -18.05 5.69
CA MET C 1 -21.47 -18.58 4.41
C MET C 1 -20.14 -19.27 4.66
N LYS C 2 -19.86 -20.32 3.91
CA LYS C 2 -18.60 -21.02 4.06
C LYS C 2 -18.24 -21.60 2.72
N LEU C 3 -17.01 -21.37 2.28
CA LEU C 3 -16.57 -21.89 0.99
C LEU C 3 -16.10 -23.30 1.18
N GLU C 4 -16.45 -24.17 0.24
CA GLU C 4 -16.05 -25.55 0.28
C GLU C 4 -15.00 -25.89 -0.76
N ARG C 5 -15.35 -25.76 -2.03
CA ARG C 5 -14.37 -26.07 -3.05
C ARG C 5 -14.42 -25.12 -4.22
N VAL C 6 -13.26 -24.75 -4.73
CA VAL C 6 -13.23 -23.87 -5.87
C VAL C 6 -12.38 -24.50 -6.96
N THR C 7 -12.96 -24.56 -8.15
CA THR C 7 -12.27 -25.13 -9.29
C THR C 7 -12.12 -23.99 -10.28
N VAL C 8 -10.89 -23.71 -10.66
CA VAL C 8 -10.64 -22.62 -11.61
C VAL C 8 -9.83 -23.06 -12.81
N LYS C 9 -10.35 -22.83 -14.01
CA LYS C 9 -9.60 -23.17 -15.21
C LYS C 9 -9.41 -21.95 -16.12
N ASN C 10 -8.15 -21.69 -16.49
CA ASN C 10 -7.80 -20.59 -17.38
C ASN C 10 -8.23 -19.19 -16.96
N PHE C 11 -7.86 -18.84 -15.74
CA PHE C 11 -8.13 -17.53 -15.17
C PHE C 11 -6.76 -17.04 -14.77
N ARG C 12 -6.29 -16.02 -15.49
CA ARG C 12 -4.99 -15.43 -15.30
C ARG C 12 -3.94 -16.56 -15.24
N SER C 13 -3.14 -16.65 -14.19
CA SER C 13 -2.14 -17.70 -14.14
C SER C 13 -2.69 -19.09 -13.83
N HIS C 14 -3.98 -19.22 -13.56
CA HIS C 14 -4.51 -20.54 -13.24
C HIS C 14 -4.95 -21.32 -14.46
N SER C 15 -4.31 -22.46 -14.63
CA SER C 15 -4.57 -23.35 -15.74
C SER C 15 -5.70 -24.27 -15.38
N ASP C 16 -5.48 -25.01 -14.30
CA ASP C 16 -6.42 -25.99 -13.82
C ASP C 16 -6.15 -26.17 -12.33
N THR C 17 -6.83 -25.38 -11.52
CA THR C 17 -6.65 -25.40 -10.09
C THR C 17 -7.91 -25.81 -9.33
N VAL C 18 -7.70 -26.55 -8.24
CA VAL C 18 -8.79 -27.01 -7.41
C VAL C 18 -8.34 -26.84 -5.98
N VAL C 19 -9.11 -26.09 -5.20
CA VAL C 19 -8.79 -25.86 -3.80
C VAL C 19 -9.98 -26.24 -2.97
N GLU C 20 -9.70 -26.88 -1.84
CA GLU C 20 -10.74 -27.30 -0.93
C GLU C 20 -10.59 -26.47 0.33
N PHE C 21 -11.61 -25.68 0.67
CA PHE C 21 -11.51 -24.85 1.85
C PHE C 21 -12.20 -25.49 3.05
N LYS C 22 -11.58 -25.35 4.21
CA LYS C 22 -12.09 -25.94 5.45
C LYS C 22 -12.38 -24.87 6.51
N GLU C 23 -12.73 -25.30 7.72
CA GLU C 23 -13.03 -24.34 8.78
C GLU C 23 -11.74 -23.78 9.36
N GLY C 24 -11.86 -22.69 10.11
CA GLY C 24 -10.69 -22.08 10.71
C GLY C 24 -9.89 -21.22 9.73
N ILE C 25 -8.61 -21.01 10.03
CA ILE C 25 -7.76 -20.21 9.20
C ILE C 25 -7.07 -21.00 8.09
N ASN C 26 -7.51 -20.73 6.86
CA ASN C 26 -6.97 -21.37 5.65
C ASN C 26 -5.96 -20.42 5.06
N LEU C 27 -4.69 -20.78 5.09
CA LEU C 27 -3.67 -19.90 4.56
C LEU C 27 -3.09 -20.37 3.21
N ILE C 28 -2.89 -19.41 2.32
CA ILE C 28 -2.31 -19.71 1.03
C ILE C 28 -1.04 -18.87 0.93
N ILE C 29 0.12 -19.52 0.99
CA ILE C 29 1.39 -18.79 0.87
C ILE C 29 1.88 -18.91 -0.56
N GLY C 30 2.34 -17.78 -1.09
CA GLY C 30 2.86 -17.80 -2.43
C GLY C 30 3.72 -16.59 -2.64
N GLN C 31 4.53 -16.60 -3.69
CA GLN C 31 5.38 -15.48 -4.00
C GLN C 31 4.66 -14.44 -4.87
N ASN C 32 5.32 -13.32 -5.08
CA ASN C 32 4.80 -12.30 -5.94
C ASN C 32 4.58 -13.02 -7.27
N GLY C 33 3.46 -12.76 -7.91
CA GLY C 33 3.21 -13.36 -9.21
C GLY C 33 2.96 -14.86 -9.28
N SER C 34 2.61 -15.49 -8.15
CA SER C 34 2.36 -16.93 -8.10
C SER C 34 0.93 -17.42 -8.36
N GLY C 35 -0.05 -16.54 -8.18
CA GLY C 35 -1.44 -16.92 -8.39
C GLY C 35 -2.43 -16.69 -7.24
N LYS C 36 -1.98 -16.18 -6.09
CA LYS C 36 -2.87 -15.96 -4.94
C LYS C 36 -4.11 -15.08 -5.18
N SER C 37 -3.91 -13.80 -5.54
CA SER C 37 -5.03 -12.87 -5.72
C SER C 37 -5.89 -13.31 -6.91
N SER C 38 -5.24 -13.94 -7.89
CA SER C 38 -5.96 -14.45 -9.05
C SER C 38 -7.00 -15.46 -8.59
N LEU C 39 -6.60 -16.35 -7.68
CA LEU C 39 -7.58 -17.32 -7.22
C LEU C 39 -8.73 -16.63 -6.46
N LEU C 40 -8.38 -15.68 -5.59
CA LEU C 40 -9.39 -14.96 -4.81
C LEU C 40 -10.32 -14.18 -5.74
N ASP C 41 -9.76 -13.50 -6.74
CA ASP C 41 -10.61 -12.75 -7.67
C ASP C 41 -11.50 -13.65 -8.53
N ALA C 42 -11.09 -14.90 -8.71
CA ALA C 42 -11.84 -15.89 -9.48
C ALA C 42 -13.10 -16.24 -8.68
N ILE C 43 -12.92 -16.32 -7.36
CA ILE C 43 -14.02 -16.60 -6.46
C ILE C 43 -15.03 -15.45 -6.52
N LEU C 44 -14.53 -14.22 -6.53
CA LEU C 44 -15.39 -13.06 -6.61
C LEU C 44 -16.14 -13.09 -7.96
N VAL C 45 -15.44 -13.40 -9.07
CA VAL C 45 -16.13 -13.47 -10.37
C VAL C 45 -17.18 -14.59 -10.33
N GLY C 46 -16.82 -15.72 -9.74
CA GLY C 46 -17.77 -16.81 -9.68
C GLY C 46 -19.02 -16.48 -8.87
N LEU C 47 -18.87 -15.72 -7.79
CA LEU C 47 -20.02 -15.38 -6.96
C LEU C 47 -20.90 -14.26 -7.52
N TYR C 48 -20.30 -13.14 -7.87
CA TYR C 48 -21.04 -11.97 -8.34
C TYR C 48 -20.98 -11.48 -9.76
N TRP C 49 -20.40 -12.22 -10.68
CA TRP C 49 -20.35 -11.70 -12.05
C TRP C 49 -21.76 -11.35 -12.51
N PRO C 50 -21.92 -10.24 -13.22
CA PRO C 50 -20.94 -9.25 -13.70
C PRO C 50 -20.52 -8.28 -12.60
N LEU C 51 -19.22 -8.12 -12.41
CA LEU C 51 -18.71 -7.23 -11.40
C LEU C 51 -18.40 -5.99 -12.14
N ARG C 52 -18.46 -4.85 -11.45
CA ARG C 52 -18.11 -3.64 -12.15
C ARG C 52 -16.86 -3.04 -11.54
N ILE C 53 -15.87 -3.91 -11.37
CA ILE C 53 -14.56 -3.53 -10.87
C ILE C 53 -13.68 -3.32 -12.09
N LYS C 54 -13.15 -2.10 -12.23
CA LYS C 54 -12.33 -1.74 -13.38
C LYS C 54 -11.14 -2.63 -13.67
N ASP C 55 -10.45 -3.15 -12.64
CA ASP C 55 -9.29 -3.96 -12.96
C ASP C 55 -9.52 -5.48 -13.15
N ILE C 56 -10.78 -5.87 -13.36
CA ILE C 56 -11.08 -7.29 -13.62
C ILE C 56 -11.97 -7.35 -14.84
N LYS C 57 -11.37 -7.64 -15.98
CA LYS C 57 -12.10 -7.71 -17.23
C LYS C 57 -12.09 -9.07 -17.91
N LYS C 58 -13.29 -9.46 -18.34
CA LYS C 58 -13.54 -10.70 -19.05
C LYS C 58 -12.50 -10.92 -20.14
N ASP C 59 -12.34 -9.91 -20.99
CA ASP C 59 -11.39 -9.97 -22.10
C ASP C 59 -9.94 -10.10 -21.64
N GLU C 60 -9.65 -9.63 -20.42
CA GLU C 60 -8.30 -9.69 -19.89
C GLU C 60 -7.99 -10.91 -19.03
N PHE C 61 -8.98 -11.44 -18.33
CA PHE C 61 -8.66 -12.57 -17.47
C PHE C 61 -8.52 -13.95 -18.07
N THR C 62 -8.84 -14.13 -19.35
CA THR C 62 -8.68 -15.45 -19.94
C THR C 62 -7.20 -15.79 -19.97
N LYS C 63 -6.80 -16.95 -19.49
CA LYS C 63 -5.38 -17.27 -19.48
C LYS C 63 -4.79 -17.21 -20.87
N VAL C 64 -3.68 -16.50 -21.01
CA VAL C 64 -3.05 -16.38 -22.32
C VAL C 64 -2.76 -17.74 -22.93
N GLY C 65 -3.23 -17.92 -24.17
CA GLY C 65 -3.03 -19.18 -24.85
C GLY C 65 -4.28 -20.07 -24.80
N ALA C 66 -5.28 -19.66 -24.03
CA ALA C 66 -6.50 -20.45 -23.88
C ALA C 66 -7.75 -19.68 -24.32
N ARG C 67 -8.89 -20.36 -24.34
CA ARG C 67 -10.16 -19.72 -24.72
C ARG C 67 -11.25 -19.93 -23.69
N ASP C 68 -11.20 -21.10 -23.04
CA ASP C 68 -12.18 -21.54 -22.05
C ASP C 68 -11.90 -21.13 -20.60
N THR C 69 -12.63 -20.13 -20.07
CA THR C 69 -12.42 -19.81 -18.65
C THR C 69 -13.57 -20.50 -17.90
N TYR C 70 -13.24 -21.35 -16.94
CA TYR C 70 -14.27 -22.07 -16.17
C TYR C 70 -14.09 -21.92 -14.67
N ILE C 71 -15.17 -21.52 -14.01
CA ILE C 71 -15.16 -21.34 -12.57
C ILE C 71 -16.33 -22.09 -11.95
N ASP C 72 -16.04 -23.02 -11.04
CA ASP C 72 -17.06 -23.81 -10.34
C ASP C 72 -16.85 -23.60 -8.84
N LEU C 73 -17.85 -23.06 -8.17
CA LEU C 73 -17.81 -22.75 -6.74
C LEU C 73 -18.83 -23.51 -5.89
N ILE C 74 -18.37 -24.22 -4.87
CA ILE C 74 -19.29 -24.94 -3.98
C ILE C 74 -19.22 -24.28 -2.60
N PHE C 75 -20.36 -23.83 -2.11
CA PHE C 75 -20.39 -23.20 -0.79
C PHE C 75 -21.69 -23.41 -0.04
N GLU C 76 -21.58 -23.36 1.28
CA GLU C 76 -22.72 -23.56 2.15
C GLU C 76 -23.25 -22.24 2.68
N LYS C 77 -24.54 -22.20 2.95
CA LYS C 77 -25.12 -20.99 3.50
C LYS C 77 -26.45 -21.35 4.14
N ASP C 78 -26.52 -21.15 5.45
CA ASP C 78 -27.72 -21.47 6.23
C ASP C 78 -28.19 -22.89 6.00
N GLY C 79 -27.29 -23.85 6.12
CA GLY C 79 -27.68 -25.23 5.94
C GLY C 79 -27.80 -25.73 4.52
N THR C 80 -27.97 -24.83 3.57
CA THR C 80 -28.09 -25.25 2.17
C THR C 80 -26.73 -25.23 1.47
N LYS C 81 -26.48 -26.25 0.65
CA LYS C 81 -25.21 -26.31 -0.05
C LYS C 81 -25.47 -25.81 -1.47
N TYR C 82 -24.78 -24.74 -1.87
CA TYR C 82 -24.96 -24.18 -3.22
C TYR C 82 -23.79 -24.45 -4.15
N ARG C 83 -24.03 -24.19 -5.43
CA ARG C 83 -23.00 -24.37 -6.43
C ARG C 83 -23.23 -23.45 -7.63
N ILE C 84 -22.24 -22.60 -7.92
CA ILE C 84 -22.33 -21.72 -9.07
C ILE C 84 -21.25 -22.17 -10.07
N THR C 85 -21.62 -22.19 -11.34
CA THR C 85 -20.70 -22.60 -12.38
C THR C 85 -20.79 -21.62 -13.51
N ARG C 86 -19.64 -21.11 -13.93
CA ARG C 86 -19.60 -20.16 -15.02
C ARG C 86 -18.53 -20.52 -16.02
N ARG C 87 -18.84 -20.26 -17.28
CA ARG C 87 -17.91 -20.48 -18.36
C ARG C 87 -17.92 -19.28 -19.26
N PHE C 88 -16.72 -18.81 -19.62
CA PHE C 88 -16.58 -17.71 -20.53
C PHE C 88 -15.79 -18.28 -21.73
N LEU C 89 -16.16 -17.85 -22.94
CA LEU C 89 -15.52 -18.31 -24.13
C LEU C 89 -14.92 -17.11 -24.85
N LYS C 90 -13.61 -17.00 -24.82
CA LYS C 90 -12.96 -15.89 -25.47
C LYS C 90 -13.25 -15.90 -26.95
N GLY C 91 -13.84 -14.80 -27.43
CA GLY C 91 -14.15 -14.70 -28.83
C GLY C 91 -15.58 -15.04 -29.15
N TYR C 92 -16.26 -15.75 -28.26
CA TYR C 92 -17.66 -16.11 -28.52
C TYR C 92 -18.54 -15.94 -27.29
N SER C 93 -18.94 -14.70 -27.02
CA SER C 93 -19.77 -14.41 -25.83
C SER C 93 -21.10 -15.09 -25.84
N SER C 94 -21.47 -15.63 -26.99
CA SER C 94 -22.75 -16.29 -27.08
C SER C 94 -22.63 -17.64 -26.40
N GLY C 95 -21.39 -18.05 -26.16
CA GLY C 95 -21.14 -19.32 -25.51
C GLY C 95 -21.09 -19.33 -24.01
N GLU C 96 -21.20 -18.16 -23.35
CA GLU C 96 -21.15 -18.15 -21.88
C GLU C 96 -22.16 -19.10 -21.25
N ILE C 97 -21.78 -19.63 -20.10
CA ILE C 97 -22.64 -20.53 -19.35
C ILE C 97 -22.67 -20.04 -17.88
N HIS C 98 -23.87 -19.90 -17.31
CA HIS C 98 -24.04 -19.45 -15.92
C HIS C 98 -25.15 -20.30 -15.30
N ALA C 99 -24.85 -20.91 -14.16
CA ALA C 99 -25.81 -21.75 -13.49
C ALA C 99 -25.55 -21.77 -11.97
N MET C 100 -26.62 -21.77 -11.19
CA MET C 100 -26.47 -21.84 -9.75
C MET C 100 -27.41 -22.93 -9.25
N LYS C 101 -26.90 -23.85 -8.46
CA LYS C 101 -27.72 -24.96 -7.96
C LYS C 101 -27.57 -25.21 -6.48
N ARG C 102 -28.54 -25.94 -5.94
CA ARG C 102 -28.54 -26.29 -4.53
C ARG C 102 -28.58 -27.79 -4.41
N LEU C 103 -27.95 -28.32 -3.37
CA LEU C 103 -27.90 -29.74 -3.13
C LEU C 103 -29.21 -30.22 -2.52
N VAL C 104 -30.02 -30.90 -3.34
CA VAL C 104 -31.30 -31.44 -2.90
C VAL C 104 -31.08 -32.93 -2.88
N GLY C 105 -31.00 -33.50 -1.69
CA GLY C 105 -30.74 -34.93 -1.60
C GLY C 105 -29.29 -35.07 -1.99
N ASN C 106 -29.06 -35.65 -3.15
CA ASN C 106 -27.69 -35.80 -3.62
C ASN C 106 -27.67 -35.42 -5.08
N GLU C 107 -28.50 -34.46 -5.43
CA GLU C 107 -28.57 -34.04 -6.82
C GLU C 107 -28.69 -32.52 -6.96
N TRP C 108 -27.71 -31.90 -7.60
CA TRP C 108 -27.75 -30.46 -7.78
C TRP C 108 -28.95 -30.06 -8.62
N LYS C 109 -29.72 -29.12 -8.11
CA LYS C 109 -30.89 -28.67 -8.84
C LYS C 109 -30.89 -27.15 -9.03
N HIS C 110 -31.19 -26.72 -10.23
CA HIS C 110 -31.23 -25.29 -10.51
C HIS C 110 -32.08 -24.59 -9.47
N VAL C 111 -31.58 -23.49 -8.90
CA VAL C 111 -32.34 -22.74 -7.90
C VAL C 111 -32.99 -21.59 -8.65
N THR C 112 -32.49 -21.34 -9.84
CA THR C 112 -33.06 -20.28 -10.64
C THR C 112 -32.67 -20.49 -12.09
N GLU C 113 -33.19 -19.64 -12.97
CA GLU C 113 -32.91 -19.71 -14.40
C GLU C 113 -31.40 -19.56 -14.61
N PRO C 114 -30.81 -20.40 -15.46
CA PRO C 114 -29.37 -20.32 -15.72
C PRO C 114 -28.91 -19.12 -16.56
N SER C 115 -28.76 -17.98 -15.89
CA SER C 115 -28.29 -16.76 -16.56
C SER C 115 -27.70 -15.81 -15.52
N SER C 116 -26.94 -14.84 -16.00
CA SER C 116 -26.31 -13.87 -15.11
C SER C 116 -27.36 -13.11 -14.32
N LYS C 117 -28.32 -12.54 -15.03
CA LYS C 117 -29.35 -11.75 -14.37
C LYS C 117 -30.12 -12.51 -13.31
N ALA C 118 -30.43 -13.77 -13.57
CA ALA C 118 -31.18 -14.59 -12.59
C ALA C 118 -30.31 -14.99 -11.38
N ILE C 119 -29.08 -15.40 -11.66
CA ILE C 119 -28.16 -15.82 -10.62
C ILE C 119 -27.85 -14.65 -9.71
N SER C 120 -27.55 -13.52 -10.35
CA SER C 120 -27.22 -12.31 -9.65
C SER C 120 -28.34 -11.93 -8.66
N ALA C 121 -29.58 -11.90 -9.16
CA ALA C 121 -30.74 -11.55 -8.35
C ALA C 121 -30.91 -12.49 -7.17
N PHE C 122 -30.50 -13.73 -7.32
CA PHE C 122 -30.61 -14.69 -6.26
C PHE C 122 -29.46 -14.51 -5.26
N MET C 123 -28.28 -14.13 -5.75
CA MET C 123 -27.15 -13.93 -4.85
C MET C 123 -27.32 -12.66 -4.05
N GLU C 124 -27.87 -11.62 -4.68
CA GLU C 124 -28.03 -10.36 -3.96
C GLU C 124 -28.99 -10.53 -2.78
N LYS C 125 -29.78 -11.60 -2.80
CA LYS C 125 -30.74 -11.86 -1.75
C LYS C 125 -30.21 -12.89 -0.77
N LEU C 126 -29.17 -13.61 -1.15
CA LEU C 126 -28.63 -14.62 -0.28
C LEU C 126 -27.49 -14.01 0.52
N ILE C 127 -26.95 -12.91 -0.02
CA ILE C 127 -25.84 -12.17 0.59
C ILE C 127 -25.42 -11.11 -0.42
N PRO C 128 -25.85 -9.85 -0.19
CA PRO C 128 -25.60 -8.66 -1.02
C PRO C 128 -24.14 -8.34 -1.39
N TYR C 129 -23.88 -8.29 -2.70
CA TYR C 129 -22.55 -7.99 -3.21
C TYR C 129 -21.87 -6.88 -2.43
N ASN C 130 -22.67 -5.96 -1.96
CA ASN C 130 -22.16 -4.83 -1.22
C ASN C 130 -21.55 -5.23 0.12
N ILE C 131 -22.19 -6.15 0.82
CA ILE C 131 -21.66 -6.59 2.10
C ILE C 131 -20.45 -7.45 1.84
N PHE C 132 -20.46 -8.21 0.72
CA PHE C 132 -19.34 -9.07 0.41
C PHE C 132 -18.02 -8.32 0.24
N LEU C 133 -18.06 -7.22 -0.51
CA LEU C 133 -16.85 -6.45 -0.76
C LEU C 133 -16.45 -5.52 0.36
N ASN C 134 -17.34 -5.29 1.32
CA ASN C 134 -17.02 -4.38 2.42
C ASN C 134 -16.64 -5.05 3.72
N ALA C 135 -17.21 -6.22 3.97
CA ALA C 135 -16.93 -6.92 5.22
C ALA C 135 -16.42 -8.35 5.05
N ILE C 136 -16.48 -8.90 3.83
CA ILE C 136 -16.03 -10.26 3.62
C ILE C 136 -14.70 -10.43 2.87
N TYR C 137 -14.64 -9.92 1.64
CA TYR C 137 -13.45 -10.01 0.82
C TYR C 137 -12.74 -8.66 0.72
N ILE C 138 -11.68 -8.54 1.51
CA ILE C 138 -10.86 -7.35 1.54
C ILE C 138 -9.77 -7.56 0.51
N ARG C 139 -9.87 -6.87 -0.61
CA ARG C 139 -8.91 -7.04 -1.67
C ARG C 139 -7.56 -6.50 -1.33
N GLN C 140 -6.55 -6.95 -2.10
CA GLN C 140 -5.18 -6.54 -1.89
C GLN C 140 -5.04 -5.02 -1.94
N GLY C 141 -4.48 -4.45 -0.88
CA GLY C 141 -4.29 -3.01 -0.84
C GLY C 141 -5.49 -2.24 -0.28
N GLN C 142 -6.52 -2.97 0.12
CA GLN C 142 -7.74 -2.35 0.64
C GLN C 142 -7.90 -2.45 2.16
N ILE C 143 -6.91 -2.96 2.88
CA ILE C 143 -7.07 -3.12 4.33
C ILE C 143 -7.46 -1.88 5.10
N ASP C 144 -6.95 -0.70 4.76
CA ASP C 144 -7.35 0.47 5.52
C ASP C 144 -8.50 1.27 4.93
N ALA C 145 -9.07 0.75 3.85
CA ALA C 145 -10.17 1.40 3.16
C ALA C 145 -11.33 1.71 4.08
N ILE C 146 -11.54 0.86 5.05
CA ILE C 146 -12.64 1.03 5.98
C ILE C 146 -12.44 2.26 6.88
N LEU C 147 -11.19 2.67 7.04
CA LEU C 147 -10.89 3.83 7.89
C LEU C 147 -11.38 5.12 7.23
N GLU C 148 -11.21 5.21 5.93
CA GLU C 148 -11.66 6.39 5.20
C GLU C 148 -13.19 6.50 5.28
N ARG D 7 -24.42 4.28 7.80
CA ARG D 7 -23.14 3.70 8.31
C ARG D 7 -22.92 4.02 9.79
N GLU D 8 -23.43 5.18 10.20
CA GLU D 8 -23.28 5.67 11.57
C GLU D 8 -23.59 4.59 12.62
N ALA D 9 -24.77 3.98 12.50
CA ALA D 9 -25.19 2.96 13.45
C ALA D 9 -24.30 1.74 13.36
N ALA D 10 -23.80 1.44 12.16
CA ALA D 10 -22.94 0.28 11.96
C ALA D 10 -21.66 0.34 12.79
N LEU D 11 -20.76 1.27 12.46
CA LEU D 11 -19.48 1.39 13.17
C LEU D 11 -19.58 1.60 14.67
N SER D 12 -20.75 2.02 15.15
CA SER D 12 -20.90 2.26 16.56
C SER D 12 -21.30 0.97 17.29
N LYS D 13 -20.75 -0.13 16.82
CA LYS D 13 -21.04 -1.43 17.41
C LYS D 13 -19.76 -2.23 17.59
N ILE D 14 -18.87 -2.08 16.62
CA ILE D 14 -17.61 -2.81 16.61
C ILE D 14 -16.46 -2.06 17.32
N GLY D 15 -16.74 -0.79 17.65
CA GLY D 15 -15.77 0.07 18.29
C GLY D 15 -15.03 -0.50 19.49
N GLU D 16 -15.76 -1.06 20.45
CA GLU D 16 -15.17 -1.65 21.64
C GLU D 16 -14.22 -2.80 21.29
N LEU D 17 -14.63 -3.64 20.35
CA LEU D 17 -13.79 -4.76 19.92
C LEU D 17 -12.57 -4.22 19.17
N ALA D 18 -12.79 -3.23 18.31
CA ALA D 18 -11.66 -2.67 17.56
C ALA D 18 -10.64 -2.10 18.55
N SER D 19 -11.14 -1.42 19.58
CA SER D 19 -10.28 -0.83 20.60
C SER D 19 -9.45 -1.91 21.23
N GLU D 20 -10.15 -2.94 21.66
CA GLU D 20 -9.52 -4.05 22.32
C GLU D 20 -8.38 -4.57 21.48
N ILE D 21 -8.70 -4.94 20.24
CA ILE D 21 -7.67 -5.47 19.33
C ILE D 21 -6.53 -4.48 19.04
N PHE D 22 -6.87 -3.23 18.76
CA PHE D 22 -5.86 -2.23 18.44
C PHE D 22 -4.92 -1.96 19.62
N ALA D 23 -5.45 -2.14 20.83
CA ALA D 23 -4.68 -1.93 22.06
C ALA D 23 -3.59 -3.00 22.14
N GLU D 24 -3.98 -4.25 21.90
CA GLU D 24 -2.97 -5.29 21.97
C GLU D 24 -2.03 -5.23 20.77
N PHE D 25 -2.52 -4.70 19.64
CA PHE D 25 -1.68 -4.65 18.44
C PHE D 25 -0.55 -3.66 18.66
N THR D 26 -0.86 -2.55 19.34
CA THR D 26 0.12 -1.53 19.59
C THR D 26 0.69 -1.49 21.02
N GLU D 27 0.64 -2.61 21.74
CA GLU D 27 1.18 -2.68 23.11
C GLU D 27 0.68 -1.54 23.97
N GLY D 28 -0.63 -1.36 24.03
CA GLY D 28 -1.18 -0.27 24.82
C GLY D 28 -0.88 1.15 24.36
N LYS D 29 0.02 1.32 23.39
CA LYS D 29 0.34 2.65 22.89
C LYS D 29 -0.89 3.48 22.60
N TYR D 30 -1.96 2.82 22.16
CA TYR D 30 -3.21 3.52 21.88
C TYR D 30 -4.25 2.76 22.69
N SER D 31 -4.65 3.36 23.80
CA SER D 31 -5.61 2.73 24.70
C SER D 31 -6.99 2.48 24.11
N GLU D 32 -7.42 3.31 23.18
CA GLU D 32 -8.75 3.09 22.66
C GLU D 32 -9.05 3.64 21.26
N VAL D 33 -10.16 3.18 20.69
CA VAL D 33 -10.59 3.64 19.39
C VAL D 33 -12.00 4.15 19.50
N VAL D 34 -12.19 5.44 19.25
CA VAL D 34 -13.53 6.05 19.36
C VAL D 34 -14.22 6.21 18.03
N VAL D 35 -15.48 5.78 17.99
CA VAL D 35 -16.31 5.87 16.80
C VAL D 35 -17.48 6.84 17.05
N ARG D 36 -17.27 8.09 16.69
CA ARG D 36 -18.25 9.15 16.90
C ARG D 36 -19.10 9.41 15.63
N ALA D 37 -20.16 10.18 15.77
CA ALA D 37 -20.99 10.52 14.62
C ALA D 37 -20.82 11.99 14.24
N GLU D 38 -20.95 12.31 12.95
CA GLU D 38 -20.80 13.69 12.49
C GLU D 38 -21.74 14.02 11.33
N GLU D 39 -22.90 13.38 11.32
CA GLU D 39 -23.90 13.61 10.29
C GLU D 39 -23.44 13.23 8.88
N ASN D 40 -23.98 12.13 8.37
CA ASN D 40 -23.66 11.63 7.04
C ASN D 40 -22.18 11.37 6.86
N LYS D 41 -21.48 11.11 7.96
CA LYS D 41 -20.04 10.89 7.89
C LYS D 41 -19.48 10.57 9.28
N VAL D 42 -19.06 9.34 9.50
CA VAL D 42 -18.50 8.92 10.78
C VAL D 42 -17.04 9.34 10.92
N ARG D 43 -16.63 9.67 12.14
CA ARG D 43 -15.25 10.08 12.44
C ARG D 43 -14.64 9.07 13.42
N LEU D 44 -13.42 8.62 13.14
CA LEU D 44 -12.74 7.65 14.00
C LEU D 44 -11.55 8.32 14.65
N PHE D 45 -11.39 8.14 15.96
CA PHE D 45 -10.27 8.74 16.66
C PHE D 45 -9.51 7.71 17.46
N VAL D 46 -8.26 8.00 17.78
CA VAL D 46 -7.48 7.08 18.61
C VAL D 46 -7.09 7.81 19.89
N VAL D 47 -7.18 7.13 21.03
CA VAL D 47 -6.81 7.74 22.31
C VAL D 47 -5.34 7.53 22.61
N TRP D 48 -4.59 8.62 22.57
CA TRP D 48 -3.16 8.59 22.84
C TRP D 48 -2.88 9.46 24.05
N GLU D 49 -2.09 8.95 24.98
CA GLU D 49 -1.82 9.70 26.19
C GLU D 49 -3.14 10.30 26.66
N GLY D 50 -4.09 9.40 26.95
CA GLY D 50 -5.39 9.79 27.45
C GLY D 50 -6.28 10.74 26.68
N LYS D 51 -5.83 11.26 25.56
CA LYS D 51 -6.67 12.18 24.77
C LYS D 51 -6.93 11.65 23.35
N GLU D 52 -8.11 11.92 22.81
CA GLU D 52 -8.49 11.51 21.46
C GLU D 52 -7.68 12.24 20.38
N ARG D 53 -7.14 11.49 19.43
CA ARG D 53 -6.36 12.09 18.35
C ARG D 53 -6.95 11.58 17.04
N PRO D 54 -7.01 12.42 16.00
CA PRO D 54 -7.55 12.03 14.69
C PRO D 54 -6.64 10.98 14.02
N LEU D 55 -7.16 10.25 13.04
CA LEU D 55 -6.38 9.20 12.38
C LEU D 55 -5.04 9.62 11.77
N THR D 56 -4.91 10.90 11.43
CA THR D 56 -3.68 11.43 10.85
C THR D 56 -2.55 11.30 11.88
N PHE D 57 -2.93 11.17 13.15
CA PHE D 57 -1.97 11.01 14.23
C PHE D 57 -1.08 9.79 14.03
N LEU D 58 -1.65 8.72 13.49
CA LEU D 58 -0.92 7.47 13.29
C LEU D 58 0.15 7.46 12.22
N SER D 59 1.02 6.47 12.35
CA SER D 59 2.08 6.26 11.39
C SER D 59 1.45 5.32 10.35
N GLY D 60 2.12 5.13 9.21
CA GLY D 60 1.59 4.27 8.17
C GLY D 60 1.37 2.84 8.62
N GLY D 61 2.33 2.29 9.36
CA GLY D 61 2.19 0.92 9.84
C GLY D 61 1.09 0.86 10.87
N GLU D 62 0.95 1.94 11.65
CA GLU D 62 -0.10 1.96 12.66
C GLU D 62 -1.48 1.95 12.02
N ARG D 63 -1.59 2.59 10.85
CA ARG D 63 -2.85 2.65 10.12
C ARG D 63 -3.25 1.27 9.68
N ILE D 64 -2.31 0.54 9.11
CA ILE D 64 -2.60 -0.82 8.63
C ILE D 64 -3.05 -1.66 9.83
N ALA D 65 -2.46 -1.44 11.00
CA ALA D 65 -2.84 -2.19 12.19
C ALA D 65 -4.27 -1.85 12.60
N LEU D 66 -4.62 -0.55 12.56
CA LEU D 66 -5.98 -0.15 12.93
C LEU D 66 -6.99 -0.69 11.92
N GLY D 67 -6.56 -0.84 10.67
CA GLY D 67 -7.44 -1.34 9.64
C GLY D 67 -7.65 -2.81 9.90
N LEU D 68 -6.58 -3.53 10.23
CA LEU D 68 -6.75 -4.95 10.52
C LEU D 68 -7.66 -5.13 11.74
N ALA D 69 -7.51 -4.24 12.74
CA ALA D 69 -8.32 -4.34 13.96
C ALA D 69 -9.79 -4.17 13.65
N PHE D 70 -10.13 -3.20 12.81
CA PHE D 70 -11.53 -3.01 12.44
C PHE D 70 -12.09 -4.16 11.64
N ARG D 71 -11.30 -4.67 10.71
CA ARG D 71 -11.72 -5.79 9.90
C ARG D 71 -12.03 -7.01 10.76
N LEU D 72 -11.14 -7.32 11.71
CA LEU D 72 -11.34 -8.47 12.56
C LEU D 72 -12.53 -8.20 13.48
N ALA D 73 -12.62 -7.00 14.02
CA ALA D 73 -13.72 -6.65 14.90
C ALA D 73 -15.04 -6.85 14.17
N MET D 74 -15.08 -6.36 12.93
CA MET D 74 -16.22 -6.45 12.02
C MET D 74 -16.61 -7.92 11.81
N SER D 75 -15.69 -8.72 11.29
CA SER D 75 -15.94 -10.14 11.06
C SER D 75 -16.37 -10.81 12.34
N LEU D 76 -15.78 -10.42 13.47
CA LEU D 76 -16.14 -11.00 14.76
C LEU D 76 -17.62 -10.70 15.10
N TYR D 77 -17.97 -9.41 15.07
CA TYR D 77 -19.34 -8.97 15.34
C TYR D 77 -20.34 -9.71 14.44
N LEU D 78 -19.95 -9.97 13.20
CA LEU D 78 -20.83 -10.65 12.27
C LEU D 78 -20.56 -12.13 12.16
N ALA D 79 -19.71 -12.66 13.05
CA ALA D 79 -19.34 -14.08 13.01
C ALA D 79 -20.50 -15.06 12.91
N GLY D 80 -21.70 -14.60 13.30
CA GLY D 80 -22.86 -15.47 13.26
C GLY D 80 -23.65 -15.45 11.98
N GLU D 81 -23.92 -14.25 11.45
CA GLU D 81 -24.71 -14.12 10.23
C GLU D 81 -23.90 -14.30 8.95
N ILE D 82 -22.62 -13.90 8.98
CA ILE D 82 -21.73 -13.95 7.83
C ILE D 82 -20.71 -15.08 7.96
N SER D 83 -19.97 -15.09 9.05
CA SER D 83 -19.04 -16.17 9.31
C SER D 83 -17.80 -16.36 8.44
N LEU D 84 -17.52 -15.44 7.50
CA LEU D 84 -16.35 -15.60 6.61
C LEU D 84 -15.60 -14.30 6.40
N LEU D 85 -14.27 -14.38 6.40
CA LEU D 85 -13.41 -13.21 6.15
C LEU D 85 -12.30 -13.69 5.22
N ILE D 86 -12.06 -12.88 4.20
CA ILE D 86 -11.05 -13.17 3.20
C ILE D 86 -10.11 -11.98 3.15
N LEU D 87 -8.86 -12.18 3.58
CA LEU D 87 -7.87 -11.11 3.60
C LEU D 87 -6.72 -11.36 2.62
N ASP D 88 -6.41 -10.36 1.79
CA ASP D 88 -5.32 -10.49 0.81
C ASP D 88 -4.15 -9.60 1.18
N GLU D 89 -3.08 -10.25 1.65
CA GLU D 89 -1.84 -9.63 2.12
C GLU D 89 -2.05 -8.68 3.30
N PRO D 90 -2.06 -9.21 4.53
CA PRO D 90 -2.27 -8.36 5.71
C PRO D 90 -1.00 -7.75 6.29
N THR D 91 0.17 -8.19 5.84
CA THR D 91 1.41 -7.68 6.40
C THR D 91 2.17 -6.47 5.80
N PRO D 92 1.73 -5.92 4.66
CA PRO D 92 2.47 -4.77 4.12
C PRO D 92 2.57 -3.65 5.16
N TYR D 93 3.72 -2.96 5.17
CA TYR D 93 4.04 -1.86 6.10
C TYR D 93 4.32 -2.26 7.55
N LEU D 94 4.03 -3.49 7.93
CA LEU D 94 4.30 -3.93 9.31
C LEU D 94 5.78 -4.29 9.53
N ASP D 95 6.39 -3.75 10.57
CA ASP D 95 7.79 -4.08 10.83
C ASP D 95 7.84 -5.48 11.47
N GLU D 96 9.03 -5.96 11.79
CA GLU D 96 9.13 -7.30 12.39
C GLU D 96 8.31 -7.50 13.65
N GLU D 97 8.22 -6.48 14.49
CA GLU D 97 7.47 -6.57 15.74
C GLU D 97 5.94 -6.60 15.57
N ARG D 98 5.42 -5.73 14.70
CA ARG D 98 3.98 -5.67 14.47
C ARG D 98 3.52 -6.93 13.73
N ARG D 99 4.45 -7.57 13.04
CA ARG D 99 4.17 -8.79 12.30
C ARG D 99 4.06 -9.95 13.27
N ARG D 100 4.85 -9.92 14.33
CA ARG D 100 4.79 -10.96 15.34
C ARG D 100 3.53 -10.75 16.15
N LYS D 101 3.17 -9.49 16.37
CA LYS D 101 1.94 -9.22 17.11
C LYS D 101 0.77 -9.73 16.25
N LEU D 102 0.82 -9.50 14.94
CA LEU D 102 -0.27 -9.96 14.08
C LEU D 102 -0.51 -11.44 14.31
N ILE D 103 0.57 -12.21 14.37
CA ILE D 103 0.43 -13.64 14.58
C ILE D 103 -0.32 -13.94 15.88
N THR D 104 -0.08 -13.16 16.91
CA THR D 104 -0.77 -13.37 18.18
C THR D 104 -2.24 -13.02 17.99
N ILE D 105 -2.52 -11.98 17.23
CA ILE D 105 -3.89 -11.55 17.00
C ILE D 105 -4.61 -12.58 16.13
N MET D 106 -3.86 -13.41 15.44
CA MET D 106 -4.51 -14.42 14.61
C MET D 106 -4.97 -15.59 15.49
N GLU D 107 -4.05 -16.08 16.32
CA GLU D 107 -4.36 -17.18 17.20
C GLU D 107 -5.41 -16.76 18.22
N ARG D 108 -5.57 -15.46 18.42
CA ARG D 108 -6.54 -14.98 19.41
C ARG D 108 -7.88 -14.52 18.92
N TYR D 109 -7.91 -13.84 17.77
CA TYR D 109 -9.19 -13.38 17.28
C TYR D 109 -9.58 -13.99 15.98
N LEU D 110 -8.62 -14.06 15.06
CA LEU D 110 -8.93 -14.59 13.75
C LEU D 110 -9.47 -16.00 13.86
N LYS D 111 -8.99 -16.72 14.87
CA LYS D 111 -9.44 -18.09 15.09
C LYS D 111 -10.88 -18.18 15.60
N LYS D 112 -11.44 -17.05 16.02
CA LYS D 112 -12.82 -17.06 16.51
C LYS D 112 -13.83 -17.00 15.37
N ILE D 113 -13.36 -16.80 14.14
CA ILE D 113 -14.22 -16.73 12.96
C ILE D 113 -14.36 -18.12 12.30
N PRO D 114 -15.60 -18.59 12.06
CA PRO D 114 -15.83 -19.91 11.44
C PRO D 114 -14.92 -20.24 10.27
N GLN D 115 -14.74 -19.28 9.36
CA GLN D 115 -13.86 -19.51 8.21
C GLN D 115 -13.11 -18.24 7.78
N VAL D 116 -11.79 -18.40 7.61
CA VAL D 116 -10.91 -17.33 7.20
C VAL D 116 -10.00 -17.83 6.08
N ILE D 117 -9.95 -17.10 4.97
CA ILE D 117 -9.05 -17.45 3.88
C ILE D 117 -8.09 -16.26 3.90
N LEU D 118 -6.81 -16.56 4.04
CA LEU D 118 -5.76 -15.58 4.16
C LEU D 118 -4.75 -15.88 3.06
N VAL D 119 -4.30 -14.83 2.40
CA VAL D 119 -3.35 -15.00 1.30
C VAL D 119 -2.13 -14.15 1.63
N SER D 120 -0.95 -14.70 1.47
CA SER D 120 0.26 -13.98 1.83
C SER D 120 1.55 -14.55 1.28
N HIS D 121 2.56 -13.70 1.16
CA HIS D 121 3.85 -14.18 0.69
C HIS D 121 4.67 -14.49 1.96
N ASP D 122 4.17 -14.06 3.11
CA ASP D 122 4.89 -14.26 4.36
C ASP D 122 4.75 -15.61 5.08
N GLU D 123 5.76 -16.46 4.91
CA GLU D 123 5.84 -17.79 5.52
C GLU D 123 5.52 -17.76 7.00
N GLU D 124 6.08 -16.78 7.68
CA GLU D 124 5.88 -16.59 9.12
C GLU D 124 4.42 -16.79 9.57
N LEU D 125 3.45 -16.50 8.70
CA LEU D 125 2.03 -16.66 9.05
C LEU D 125 1.58 -18.11 9.16
N LYS D 126 2.38 -19.02 8.63
CA LYS D 126 2.08 -20.45 8.64
C LYS D 126 1.82 -20.96 10.05
N ASP D 127 2.44 -20.32 11.03
CA ASP D 127 2.31 -20.75 12.42
C ASP D 127 0.87 -20.72 12.93
N ALA D 128 0.18 -19.59 12.75
CA ALA D 128 -1.19 -19.48 13.24
C ALA D 128 -2.26 -19.93 12.25
N ALA D 129 -1.90 -20.77 11.28
CA ALA D 129 -2.89 -21.25 10.32
C ALA D 129 -3.36 -22.66 10.65
N ASP D 130 -4.62 -22.96 10.38
CA ASP D 130 -5.13 -24.32 10.65
C ASP D 130 -4.84 -25.22 9.48
N HIS D 131 -4.89 -24.63 8.28
CA HIS D 131 -4.63 -25.34 7.03
C HIS D 131 -3.73 -24.48 6.15
N VAL D 132 -2.78 -25.14 5.50
CA VAL D 132 -1.83 -24.45 4.67
C VAL D 132 -1.81 -25.02 3.26
N ILE D 133 -1.78 -24.13 2.28
CA ILE D 133 -1.74 -24.53 0.88
C ILE D 133 -0.68 -23.68 0.24
N ARG D 134 0.16 -24.30 -0.58
CA ARG D 134 1.22 -23.60 -1.26
C ARG D 134 0.90 -23.37 -2.71
N ILE D 135 1.14 -22.16 -3.18
CA ILE D 135 0.88 -21.89 -4.57
C ILE D 135 2.16 -21.37 -5.15
N SER D 136 2.52 -21.90 -6.31
CA SER D 136 3.73 -21.46 -6.97
C SER D 136 3.49 -21.46 -8.45
N LEU D 137 4.36 -20.78 -9.17
CA LEU D 137 4.22 -20.72 -10.60
C LEU D 137 5.17 -21.75 -11.20
N GLU D 138 4.63 -22.86 -11.69
CA GLU D 138 5.40 -23.94 -12.32
C GLU D 138 5.06 -24.02 -13.82
N ASN D 139 5.81 -23.28 -14.63
CA ASN D 139 5.66 -23.26 -16.08
C ASN D 139 4.53 -22.50 -16.68
N GLY D 140 4.48 -21.19 -16.40
CA GLY D 140 3.45 -20.34 -16.96
C GLY D 140 2.08 -20.50 -16.33
N SER D 141 1.94 -21.51 -15.46
CA SER D 141 0.67 -21.82 -14.76
C SER D 141 0.85 -22.05 -13.28
N SER D 142 -0.19 -21.68 -12.53
CA SER D 142 -0.23 -21.82 -11.08
C SER D 142 -0.34 -23.28 -10.62
N LYS D 143 0.47 -23.64 -9.64
CA LYS D 143 0.45 -24.99 -9.08
C LYS D 143 0.07 -24.89 -7.62
N VAL D 144 -0.86 -25.72 -7.19
CA VAL D 144 -1.34 -25.72 -5.82
C VAL D 144 -0.95 -27.00 -5.09
N GLU D 145 -0.38 -26.84 -3.90
CA GLU D 145 0.05 -27.96 -3.08
C GLU D 145 -0.53 -27.86 -1.68
N VAL D 146 -1.21 -28.90 -1.22
CA VAL D 146 -1.79 -28.86 0.11
C VAL D 146 -0.73 -29.29 1.12
N VAL D 147 -0.58 -28.51 2.18
CA VAL D 147 0.39 -28.84 3.22
C VAL D 147 -0.45 -29.14 4.46
N SER D 148 -0.77 -28.15 5.27
CA SER D 148 -1.61 -28.36 6.47
C SER D 148 -3.07 -28.50 6.01
#